data_7BQ1
#
_entry.id   7BQ1
#
_cell.length_a   44.963
_cell.length_b   61.596
_cell.length_c   53.229
_cell.angle_alpha   90.000
_cell.angle_beta   106.620
_cell.angle_gamma   90.000
#
_symmetry.space_group_name_H-M   'P 1 21 1'
#
loop_
_entity.id
_entity.type
_entity.pdbx_description
1 polymer 'Peroxisome proliferator-activated receptor alpha'
2 polymer '15-meric peptide from Nuclear receptor coactivator 1'
3 non-polymer 'PALMITIC ACID'
4 non-polymer GLYCEROL
5 water water
#
loop_
_entity_poly.entity_id
_entity_poly.type
_entity_poly.pdbx_seq_one_letter_code
_entity_poly.pdbx_strand_id
1 'polypeptide(L)'
;GSHMTADLKSLAKRIYEAYLKNFNMNKVKARVILSGKASNNPPFVIHDMETLCMAEKTLVAKLVANGIQNKEAEVRIFHC
CQCTSVETVTELTEFAKAIPGFANLDLNDQVTLLKYGVYEAIFAMLSSVMNKDGMLVAYGNGFITREFLKSLRKPFCDIM
EPKFDFAMKFNALELDDSDISLFVAAIICCGDRPGLLNVGHIEKMQEGIVHVLRLHLQSNHPDDIFLFPKLLQKMADLRQ
LVTEHAQLVQIIKKTESDAALHPLLQEIYRDMY
;
A
2 'polypeptide(L)' LTERHKILHRLLQEG B
#
loop_
_chem_comp.id
_chem_comp.type
_chem_comp.name
_chem_comp.formula
GOL non-polymer GLYCEROL 'C3 H8 O3'
PLM non-polymer 'PALMITIC ACID' 'C16 H32 O2'
#
# COMPACT_ATOMS: atom_id res chain seq x y z
N ASP A 7 -15.94 22.63 -8.18
CA ASP A 7 -16.66 21.35 -8.25
C ASP A 7 -15.65 20.19 -8.28
N LEU A 8 -15.63 19.43 -9.37
CA LEU A 8 -14.95 18.14 -9.36
C LEU A 8 -13.44 18.26 -9.59
N LYS A 9 -12.99 19.21 -10.39
CA LYS A 9 -11.56 19.48 -10.48
C LYS A 9 -11.01 19.86 -9.09
N SER A 10 -11.81 20.53 -8.29
CA SER A 10 -11.37 20.92 -6.95
C SER A 10 -11.31 19.72 -6.01
N LEU A 11 -12.29 18.82 -6.08
CA LEU A 11 -12.23 17.59 -5.30
C LEU A 11 -10.97 16.81 -5.67
N ALA A 12 -10.70 16.68 -6.98
CA ALA A 12 -9.48 15.98 -7.41
C ALA A 12 -8.24 16.63 -6.82
N LYS A 13 -8.18 17.97 -6.83
CA LYS A 13 -7.01 18.65 -6.31
C LYS A 13 -6.88 18.46 -4.80
N ARG A 14 -8.01 18.51 -4.07
CA ARG A 14 -7.98 18.29 -2.63
C ARG A 14 -7.48 16.90 -2.29
N ILE A 15 -7.89 15.91 -3.09
CA ILE A 15 -7.44 14.56 -2.79
C ILE A 15 -5.95 14.41 -3.09
N TYR A 16 -5.48 15.03 -4.18
CA TYR A 16 -4.05 15.01 -4.53
C TYR A 16 -3.21 15.72 -3.48
N GLU A 17 -3.69 16.86 -2.98
CA GLU A 17 -2.95 17.55 -1.92
C GLU A 17 -2.89 16.71 -0.66
N ALA A 18 -3.97 16.00 -0.32
CA ALA A 18 -3.97 15.14 0.86
C ALA A 18 -2.98 13.99 0.69
N TYR A 19 -2.91 13.46 -0.51
CA TYR A 19 -1.93 12.41 -0.81
C TYR A 19 -0.49 12.91 -0.64
N LEU A 20 -0.19 14.08 -1.21
CA LEU A 20 1.17 14.62 -1.11
C LEU A 20 1.55 14.89 0.34
N LYS A 21 0.60 15.37 1.14
N LYS A 21 0.58 15.31 1.16
CA LYS A 21 0.92 15.68 2.53
CA LYS A 21 0.81 15.69 2.55
C LYS A 21 1.20 14.40 3.33
C LYS A 21 0.95 14.50 3.50
N ASN A 22 0.38 13.35 3.16
CA ASN A 22 0.29 12.27 4.11
C ASN A 22 1.17 11.05 3.80
N PHE A 23 1.62 10.87 2.56
CA PHE A 23 2.47 9.74 2.22
C PHE A 23 3.93 10.16 2.13
N ASN A 24 4.79 9.39 2.82
CA ASN A 24 6.21 9.78 2.82
C ASN A 24 6.84 9.56 1.46
N MET A 25 6.28 8.62 0.68
CA MET A 25 6.80 8.29 -0.63
C MET A 25 5.75 8.61 -1.66
N ASN A 26 6.18 9.19 -2.74
CA ASN A 26 5.30 9.34 -3.90
C ASN A 26 6.09 8.99 -5.14
N LYS A 27 5.42 9.02 -6.28
CA LYS A 27 6.07 8.48 -7.46
C LYS A 27 7.18 9.41 -7.96
N VAL A 28 7.03 10.71 -7.83
CA VAL A 28 8.10 11.64 -8.19
C VAL A 28 9.33 11.41 -7.33
N LYS A 29 9.14 11.40 -6.01
N LYS A 29 9.14 11.36 -6.01
CA LYS A 29 10.25 11.15 -5.09
CA LYS A 29 10.26 11.16 -5.09
C LYS A 29 10.95 9.83 -5.44
C LYS A 29 10.94 9.82 -5.35
N ALA A 30 10.16 8.78 -5.63
CA ALA A 30 10.74 7.46 -5.92
C ALA A 30 11.55 7.48 -7.20
N ARG A 31 11.00 8.08 -8.27
CA ARG A 31 11.71 8.13 -9.54
C ARG A 31 13.01 8.92 -9.44
N VAL A 32 13.03 10.01 -8.66
CA VAL A 32 14.29 10.72 -8.51
C VAL A 32 15.34 9.80 -7.90
N ILE A 33 14.94 9.01 -6.90
CA ILE A 33 15.89 8.11 -6.25
C ILE A 33 16.31 7.00 -7.18
N LEU A 34 15.34 6.39 -7.87
CA LEU A 34 15.66 5.24 -8.70
C LEU A 34 16.51 5.65 -9.91
N SER A 35 16.52 6.93 -10.27
CA SER A 35 17.28 7.39 -11.43
C SER A 35 18.77 7.43 -11.16
N GLY A 36 19.17 7.69 -9.92
CA GLY A 36 20.57 7.77 -9.57
C GLY A 36 21.16 9.15 -9.70
N ASN A 40 22.73 12.75 -2.73
CA ASN A 40 22.56 12.72 -1.28
C ASN A 40 21.73 11.51 -0.85
N ASN A 41 22.13 10.88 0.26
CA ASN A 41 21.37 9.76 0.81
C ASN A 41 21.19 8.63 -0.22
N PRO A 42 22.21 8.27 -1.01
CA PRO A 42 22.02 7.28 -2.05
C PRO A 42 21.52 5.97 -1.45
N PRO A 43 20.72 5.20 -2.20
CA PRO A 43 20.16 3.95 -1.64
C PRO A 43 21.18 2.84 -1.62
N PHE A 44 21.20 2.16 -0.52
CA PHE A 44 22.11 1.04 -0.34
C PHE A 44 21.48 -0.21 -0.97
N VAL A 45 22.22 -0.88 -1.82
CA VAL A 45 21.67 -1.98 -2.62
C VAL A 45 21.81 -3.29 -1.85
N ILE A 46 20.69 -3.97 -1.64
CA ILE A 46 20.64 -5.25 -0.93
C ILE A 46 20.39 -6.31 -1.99
N HIS A 47 21.43 -7.13 -2.31
CA HIS A 47 21.35 -8.09 -3.39
C HIS A 47 21.77 -9.48 -2.94
N ASP A 48 22.19 -9.62 -1.70
CA ASP A 48 22.69 -10.89 -1.19
C ASP A 48 22.72 -10.79 0.33
N MET A 49 23.07 -11.89 1.01
CA MET A 49 23.07 -11.89 2.47
C MET A 49 24.09 -10.91 3.05
N GLU A 50 25.29 -10.81 2.45
CA GLU A 50 26.27 -9.84 2.95
C GLU A 50 25.68 -8.43 2.96
N THR A 51 25.05 -8.02 1.84
CA THR A 51 24.56 -6.64 1.80
C THR A 51 23.29 -6.48 2.62
N LEU A 52 22.50 -7.54 2.79
CA LEU A 52 21.40 -7.42 3.75
C LEU A 52 21.92 -7.09 5.14
N CYS A 53 22.93 -7.85 5.61
CA CYS A 53 23.41 -7.63 6.96
C CYS A 53 24.05 -6.25 7.10
N MET A 54 24.76 -5.78 6.06
CA MET A 54 25.29 -4.42 6.11
C MET A 54 24.17 -3.41 6.21
N ALA A 55 23.16 -3.55 5.35
CA ALA A 55 22.05 -2.59 5.38
C ALA A 55 21.35 -2.58 6.72
N GLU A 56 21.13 -3.74 7.31
CA GLU A 56 20.48 -3.82 8.61
C GLU A 56 21.25 -3.02 9.66
N LYS A 57 22.58 -3.19 9.68
CA LYS A 57 23.38 -2.46 10.67
C LYS A 57 23.30 -0.96 10.45
N THR A 58 23.09 -0.51 9.23
N THR A 58 23.09 -0.51 9.21
CA THR A 58 23.04 0.94 9.02
CA THR A 58 23.04 0.93 8.99
C THR A 58 21.63 1.48 9.11
C THR A 58 21.63 1.47 9.12
N LEU A 59 20.62 0.73 8.66
CA LEU A 59 19.28 1.29 8.52
C LEU A 59 18.27 0.81 9.55
N VAL A 60 18.49 -0.33 10.21
CA VAL A 60 17.59 -0.82 11.25
C VAL A 60 18.47 -1.37 12.38
N ALA A 61 19.40 -0.53 12.83
CA ALA A 61 20.46 -0.97 13.75
C ALA A 61 19.89 -1.71 14.95
N LYS A 62 18.81 -1.18 15.51
CA LYS A 62 18.28 -1.75 16.76
C LYS A 62 17.84 -3.20 16.55
N LEU A 63 17.38 -3.52 15.34
CA LEU A 63 16.84 -4.85 15.07
C LEU A 63 17.91 -5.92 15.12
N VAL A 64 19.18 -5.57 14.93
CA VAL A 64 20.23 -6.57 14.85
C VAL A 64 21.33 -6.33 15.89
N ALA A 65 21.03 -5.62 16.96
CA ALA A 65 22.04 -5.32 17.96
C ALA A 65 22.27 -6.46 18.96
N ASN A 66 21.83 -7.67 18.65
CA ASN A 66 21.96 -8.80 19.56
C ASN A 66 22.38 -10.08 18.81
N ASN A 70 19.68 -14.49 16.42
CA ASN A 70 19.19 -13.17 16.06
C ASN A 70 17.95 -13.34 15.20
N LYS A 71 17.61 -14.61 14.99
CA LYS A 71 16.54 -15.02 14.11
C LYS A 71 17.01 -15.00 12.66
N GLU A 72 16.44 -15.88 11.86
CA GLU A 72 16.82 -16.04 10.47
C GLU A 72 16.64 -14.73 9.69
N ALA A 73 17.48 -14.57 8.66
CA ALA A 73 17.38 -13.43 7.76
C ALA A 73 15.96 -13.25 7.23
N GLU A 74 15.29 -14.34 6.86
CA GLU A 74 13.94 -14.21 6.30
C GLU A 74 12.96 -13.64 7.30
N VAL A 75 13.09 -14.00 8.57
CA VAL A 75 12.19 -13.51 9.59
C VAL A 75 12.47 -12.04 9.89
N ARG A 76 13.76 -11.62 9.88
CA ARG A 76 14.09 -10.20 10.02
C ARG A 76 13.52 -9.39 8.85
N ILE A 77 13.62 -9.92 7.64
CA ILE A 77 13.06 -9.21 6.49
C ILE A 77 11.56 -9.08 6.64
N PHE A 78 10.88 -10.15 7.03
CA PHE A 78 9.43 -10.09 7.19
C PHE A 78 9.04 -9.10 8.27
N HIS A 79 9.85 -9.01 9.35
CA HIS A 79 9.57 -7.99 10.36
C HIS A 79 9.63 -6.58 9.76
N CYS A 80 10.64 -6.33 8.92
CA CYS A 80 10.73 -5.04 8.25
C CYS A 80 9.58 -4.83 7.28
N CYS A 81 9.12 -5.89 6.61
CA CYS A 81 7.90 -5.76 5.79
C CYS A 81 6.74 -5.26 6.62
N GLN A 82 6.50 -5.88 7.77
CA GLN A 82 5.35 -5.51 8.60
C GLN A 82 5.50 -4.12 9.16
N CYS A 83 6.71 -3.73 9.59
CA CYS A 83 6.92 -2.36 10.03
C CYS A 83 6.55 -1.35 8.94
N THR A 84 6.90 -1.63 7.68
CA THR A 84 6.54 -0.76 6.58
C THR A 84 5.04 -0.68 6.43
N SER A 85 4.37 -1.85 6.51
CA SER A 85 2.90 -1.86 6.40
C SER A 85 2.26 -1.08 7.53
N VAL A 86 2.74 -1.25 8.78
CA VAL A 86 2.17 -0.49 9.89
C VAL A 86 2.28 1.00 9.61
N GLU A 87 3.44 1.46 9.14
CA GLU A 87 3.60 2.89 8.82
C GLU A 87 2.66 3.31 7.71
N THR A 88 2.55 2.50 6.65
CA THR A 88 1.65 2.90 5.56
C THR A 88 0.18 2.91 5.99
N VAL A 89 -0.26 1.95 6.84
CA VAL A 89 -1.64 2.01 7.37
C VAL A 89 -1.89 3.33 8.12
N THR A 90 -0.90 3.78 8.89
CA THR A 90 -1.05 5.05 9.59
C THR A 90 -1.20 6.20 8.60
N GLU A 91 -0.40 6.18 7.55
CA GLU A 91 -0.50 7.23 6.54
C GLU A 91 -1.86 7.19 5.84
N LEU A 92 -2.36 5.99 5.56
CA LEU A 92 -3.62 5.80 4.89
C LEU A 92 -4.78 6.27 5.74
N THR A 93 -4.66 6.10 7.06
CA THR A 93 -5.72 6.57 7.95
C THR A 93 -5.85 8.09 7.94
N GLU A 94 -4.71 8.77 7.96
CA GLU A 94 -4.71 10.24 7.86
C GLU A 94 -5.23 10.68 6.52
N PHE A 95 -4.74 10.04 5.43
CA PHE A 95 -5.23 10.36 4.09
C PHE A 95 -6.74 10.22 4.03
N ALA A 96 -7.26 9.12 4.59
CA ALA A 96 -8.68 8.88 4.53
C ALA A 96 -9.46 10.00 5.22
N LYS A 97 -8.99 10.40 6.41
CA LYS A 97 -9.63 11.47 7.18
C LYS A 97 -9.60 12.77 6.45
N ALA A 98 -8.70 12.91 5.50
CA ALA A 98 -8.73 14.11 4.67
C ALA A 98 -9.54 13.91 3.38
N ILE A 99 -10.10 12.73 3.14
CA ILE A 99 -10.94 12.53 1.96
C ILE A 99 -12.26 13.24 2.18
N PRO A 100 -12.61 14.25 1.39
CA PRO A 100 -13.89 14.93 1.62
C PRO A 100 -15.02 13.93 1.80
N GLY A 101 -15.70 13.94 2.95
CA GLY A 101 -16.86 13.07 3.21
C GLY A 101 -16.59 11.87 4.12
N PHE A 102 -15.34 11.47 4.29
CA PHE A 102 -15.06 10.24 5.00
C PHE A 102 -15.36 10.38 6.48
N ALA A 103 -14.99 11.52 7.03
CA ALA A 103 -15.13 11.80 8.45
C ALA A 103 -16.59 11.97 8.87
N ASN A 104 -17.51 12.20 7.94
CA ASN A 104 -18.93 12.24 8.31
C ASN A 104 -19.50 10.86 8.48
N LEU A 105 -18.73 9.82 8.14
CA LEU A 105 -19.22 8.47 8.23
C LEU A 105 -19.23 7.99 9.67
N ASP A 106 -20.11 7.03 9.94
CA ASP A 106 -20.09 6.36 11.22
C ASP A 106 -18.68 5.79 11.46
N LEU A 107 -18.19 5.98 12.68
CA LEU A 107 -16.84 5.52 13.00
C LEU A 107 -16.66 4.03 12.73
N ASN A 108 -17.71 3.23 12.98
CA ASN A 108 -17.65 1.81 12.66
C ASN A 108 -17.41 1.59 11.17
N ASP A 109 -18.11 2.34 10.33
CA ASP A 109 -17.90 2.23 8.88
C ASP A 109 -16.51 2.75 8.48
N GLN A 110 -16.01 3.81 9.10
CA GLN A 110 -14.62 4.22 8.80
C GLN A 110 -13.65 3.08 9.03
N VAL A 111 -13.82 2.36 10.14
CA VAL A 111 -12.92 1.24 10.47
C VAL A 111 -13.01 0.17 9.41
N THR A 112 -14.24 -0.22 9.04
CA THR A 112 -14.46 -1.27 8.04
C THR A 112 -13.84 -0.90 6.70
N LEU A 113 -14.00 0.36 6.27
CA LEU A 113 -13.45 0.77 4.99
C LEU A 113 -11.93 0.66 5.01
N LEU A 114 -11.31 1.08 6.12
CA LEU A 114 -9.87 1.01 6.21
C LEU A 114 -9.40 -0.43 6.32
N LYS A 115 -10.11 -1.22 7.13
CA LYS A 115 -9.73 -2.63 7.31
C LYS A 115 -9.58 -3.35 5.96
N TYR A 116 -10.57 -3.23 5.10
CA TYR A 116 -10.55 -3.95 3.83
C TYR A 116 -9.76 -3.22 2.76
N GLY A 117 -9.58 -1.91 2.89
CA GLY A 117 -8.96 -1.16 1.82
C GLY A 117 -7.46 -1.01 1.98
N VAL A 118 -6.89 -1.03 3.20
CA VAL A 118 -5.48 -0.62 3.33
C VAL A 118 -4.54 -1.49 2.49
N TYR A 119 -4.72 -2.82 2.47
CA TYR A 119 -3.72 -3.63 1.73
C TYR A 119 -3.91 -3.50 0.23
N GLU A 120 -5.13 -3.26 -0.24
CA GLU A 120 -5.28 -2.97 -1.66
C GLU A 120 -4.53 -1.70 -2.01
N ALA A 121 -4.67 -0.68 -1.15
CA ALA A 121 -3.97 0.58 -1.37
C ALA A 121 -2.45 0.42 -1.25
N ILE A 122 -1.98 -0.36 -0.26
CA ILE A 122 -0.56 -0.63 -0.06
C ILE A 122 0.02 -1.20 -1.34
N PHE A 123 -0.62 -2.22 -1.91
CA PHE A 123 0.00 -2.88 -3.07
C PHE A 123 -0.10 -2.03 -4.31
N ALA A 124 -1.17 -1.22 -4.42
CA ALA A 124 -1.19 -0.24 -5.51
C ALA A 124 -0.03 0.76 -5.43
N MET A 125 0.19 1.36 -4.23
CA MET A 125 1.22 2.36 -4.06
C MET A 125 2.63 1.76 -4.09
N LEU A 126 2.78 0.49 -3.66
CA LEU A 126 4.07 -0.19 -3.76
C LEU A 126 4.59 -0.17 -5.18
N SER A 127 3.70 -0.20 -6.18
CA SER A 127 4.17 -0.18 -7.56
C SER A 127 5.06 1.03 -7.84
N SER A 128 4.79 2.15 -7.18
CA SER A 128 5.59 3.37 -7.40
C SER A 128 7.05 3.24 -6.96
N VAL A 129 7.39 2.32 -6.06
CA VAL A 129 8.76 2.15 -5.63
C VAL A 129 9.39 0.91 -6.24
N MET A 130 8.68 0.24 -7.14
CA MET A 130 9.13 -0.99 -7.79
C MET A 130 9.56 -0.72 -9.22
N ASN A 131 10.66 -1.35 -9.63
CA ASN A 131 10.89 -1.58 -11.06
C ASN A 131 11.15 -3.07 -11.31
N LYS A 132 11.54 -3.44 -12.53
CA LYS A 132 11.66 -4.86 -12.84
C LYS A 132 12.78 -5.53 -12.07
N ASP A 133 13.69 -4.75 -11.49
CA ASP A 133 14.84 -5.33 -10.81
C ASP A 133 14.74 -5.29 -9.28
N GLY A 134 13.80 -4.55 -8.70
CA GLY A 134 13.84 -4.41 -7.26
C GLY A 134 12.94 -3.29 -6.79
N MET A 135 13.06 -2.97 -5.51
CA MET A 135 12.15 -2.00 -4.88
C MET A 135 12.86 -1.16 -3.83
N LEU A 136 12.42 0.09 -3.72
CA LEU A 136 12.90 0.94 -2.65
C LEU A 136 12.31 0.53 -1.31
N VAL A 137 13.14 0.60 -0.26
CA VAL A 137 12.71 0.28 1.11
C VAL A 137 13.32 1.31 2.07
N ALA A 138 12.86 1.26 3.31
CA ALA A 138 13.43 2.06 4.41
C ALA A 138 13.52 3.55 4.03
N TYR A 139 12.34 4.11 3.74
CA TYR A 139 12.19 5.55 3.48
C TYR A 139 13.13 6.00 2.37
N GLY A 140 13.25 5.15 1.32
CA GLY A 140 14.03 5.48 0.15
C GLY A 140 15.52 5.24 0.26
N ASN A 141 15.99 4.70 1.38
CA ASN A 141 17.42 4.56 1.62
C ASN A 141 17.97 3.19 1.34
N GLY A 142 17.12 2.24 0.94
CA GLY A 142 17.59 0.95 0.51
C GLY A 142 16.91 0.58 -0.79
N PHE A 143 17.55 -0.29 -1.54
CA PHE A 143 16.96 -0.88 -2.75
C PHE A 143 17.23 -2.37 -2.67
N ILE A 144 16.18 -3.18 -2.52
CA ILE A 144 16.36 -4.63 -2.36
C ILE A 144 15.98 -5.29 -3.65
N THR A 145 16.82 -6.22 -4.12
CA THR A 145 16.54 -6.73 -5.46
C THR A 145 15.46 -7.79 -5.46
N ARG A 146 14.77 -7.85 -6.60
CA ARG A 146 13.74 -8.84 -6.79
C ARG A 146 14.30 -10.24 -6.73
N GLU A 147 15.50 -10.43 -7.30
CA GLU A 147 16.13 -11.76 -7.30
C GLU A 147 16.52 -12.19 -5.89
N PHE A 148 16.99 -11.25 -5.06
CA PHE A 148 17.31 -11.63 -3.69
C PHE A 148 16.06 -12.10 -2.96
N LEU A 149 14.93 -11.38 -3.13
CA LEU A 149 13.71 -11.81 -2.46
C LEU A 149 13.27 -13.19 -2.93
N LYS A 150 13.40 -13.45 -4.22
CA LYS A 150 13.11 -14.79 -4.74
C LYS A 150 14.00 -15.85 -4.14
N SER A 151 15.20 -15.48 -3.69
CA SER A 151 16.17 -16.45 -3.19
C SER A 151 15.89 -16.90 -1.76
N LEU A 152 15.00 -16.24 -1.04
CA LEU A 152 14.77 -16.55 0.36
C LEU A 152 14.14 -17.92 0.49
N ARG A 153 14.26 -18.50 1.67
CA ARG A 153 13.65 -19.82 1.83
C ARG A 153 12.14 -19.70 1.82
N LYS A 154 11.49 -20.78 1.41
CA LYS A 154 10.05 -20.83 1.46
C LYS A 154 9.57 -20.72 2.91
N PRO A 155 8.43 -20.08 3.18
CA PRO A 155 7.48 -19.42 2.27
C PRO A 155 7.81 -17.97 1.98
N PHE A 156 8.88 -17.46 2.56
CA PHE A 156 9.12 -16.03 2.48
C PHE A 156 9.45 -15.57 1.07
N CYS A 157 10.02 -16.43 0.22
CA CYS A 157 10.25 -16.03 -1.17
C CYS A 157 8.96 -15.85 -1.94
N ASP A 158 7.83 -16.29 -1.43
CA ASP A 158 6.56 -16.15 -2.14
C ASP A 158 5.78 -14.89 -1.77
N ILE A 159 6.31 -14.03 -0.87
CA ILE A 159 5.56 -12.81 -0.52
C ILE A 159 5.56 -11.79 -1.66
N MET A 160 6.74 -11.40 -2.11
CA MET A 160 6.79 -10.20 -2.93
C MET A 160 6.60 -10.44 -4.43
N GLU A 161 6.90 -11.62 -4.97
CA GLU A 161 6.86 -11.76 -6.42
C GLU A 161 5.49 -11.44 -7.03
N PRO A 162 4.33 -11.84 -6.45
CA PRO A 162 3.05 -11.46 -7.06
C PRO A 162 2.85 -9.97 -7.05
N LYS A 163 3.46 -9.29 -6.08
CA LYS A 163 3.32 -7.84 -6.01
C LYS A 163 4.15 -7.18 -7.11
N PHE A 164 5.37 -7.70 -7.38
CA PHE A 164 6.12 -7.20 -8.55
C PHE A 164 5.35 -7.44 -9.84
N ASP A 165 4.73 -8.62 -10.00
CA ASP A 165 3.97 -8.88 -11.23
C ASP A 165 2.82 -7.89 -11.39
N PHE A 166 2.10 -7.59 -10.31
CA PHE A 166 1.05 -6.59 -10.40
C PHE A 166 1.64 -5.24 -10.79
N ALA A 167 2.74 -4.87 -10.16
CA ALA A 167 3.33 -3.56 -10.34
C ALA A 167 3.82 -3.36 -11.75
N MET A 168 4.40 -4.40 -12.38
CA MET A 168 4.97 -4.15 -13.70
C MET A 168 3.86 -3.75 -14.67
N LYS A 169 2.70 -4.42 -14.57
CA LYS A 169 1.58 -4.06 -15.44
C LYS A 169 0.93 -2.75 -15.02
N PHE A 170 0.84 -2.49 -13.71
CA PHE A 170 0.28 -1.22 -13.24
C PHE A 170 1.15 -0.05 -13.69
N ASN A 171 2.48 -0.21 -13.58
CA ASN A 171 3.36 0.88 -13.95
C ASN A 171 3.33 1.13 -15.45
N ALA A 172 3.00 0.11 -16.26
CA ALA A 172 2.89 0.35 -17.70
C ALA A 172 1.72 1.25 -18.06
N LEU A 173 0.76 1.46 -17.15
CA LEU A 173 -0.31 2.44 -17.35
C LEU A 173 0.22 3.87 -17.31
N GLU A 174 1.44 4.09 -16.79
CA GLU A 174 2.02 5.43 -16.74
C GLU A 174 1.13 6.44 -15.99
N LEU A 175 0.56 6.02 -14.87
CA LEU A 175 -0.14 6.97 -14.01
C LEU A 175 0.85 7.91 -13.32
N ASP A 176 0.34 9.09 -12.94
CA ASP A 176 1.10 9.98 -12.07
C ASP A 176 0.41 10.09 -10.72
N ASP A 177 1.03 10.85 -9.80
CA ASP A 177 0.51 10.92 -8.46
C ASP A 177 -0.90 11.51 -8.40
N SER A 178 -1.24 12.40 -9.35
CA SER A 178 -2.60 12.94 -9.34
C SER A 178 -3.65 11.87 -9.65
N ASP A 179 -3.32 10.91 -10.54
CA ASP A 179 -4.17 9.75 -10.81
C ASP A 179 -4.19 8.80 -9.61
N ILE A 180 -3.01 8.48 -9.09
CA ILE A 180 -2.93 7.45 -8.06
C ILE A 180 -3.67 7.88 -6.80
N SER A 181 -3.62 9.18 -6.48
CA SER A 181 -4.27 9.65 -5.26
C SER A 181 -5.78 9.41 -5.35
N LEU A 182 -6.36 9.61 -6.54
CA LEU A 182 -7.79 9.36 -6.74
C LEU A 182 -8.12 7.87 -6.74
N PHE A 183 -7.22 7.07 -7.33
CA PHE A 183 -7.37 5.62 -7.34
C PHE A 183 -7.37 5.07 -5.92
N VAL A 184 -6.45 5.54 -5.08
CA VAL A 184 -6.41 5.11 -3.70
C VAL A 184 -7.66 5.57 -2.94
N ALA A 185 -8.13 6.80 -3.20
CA ALA A 185 -9.39 7.23 -2.58
C ALA A 185 -10.55 6.32 -3.00
N ALA A 186 -10.58 5.90 -4.27
CA ALA A 186 -11.65 5.03 -4.75
C ALA A 186 -11.56 3.65 -4.10
N ILE A 187 -10.34 3.16 -3.88
CA ILE A 187 -10.16 1.89 -3.19
C ILE A 187 -10.77 1.96 -1.81
N ILE A 188 -10.53 3.05 -1.08
CA ILE A 188 -10.99 3.16 0.30
C ILE A 188 -12.51 3.30 0.34
N CYS A 189 -13.08 4.07 -0.58
CA CYS A 189 -14.49 4.46 -0.52
C CYS A 189 -15.26 3.46 -1.37
N CYS A 190 -15.47 2.30 -0.80
CA CYS A 190 -15.93 1.14 -1.55
C CYS A 190 -17.13 0.57 -0.83
N GLY A 191 -18.30 0.64 -1.45
CA GLY A 191 -19.48 0.34 -0.68
C GLY A 191 -19.85 -1.12 -0.55
N ASP A 192 -19.12 -2.05 -1.14
CA ASP A 192 -19.47 -3.46 -1.01
C ASP A 192 -18.57 -4.19 0.01
N ARG A 193 -17.90 -3.47 0.89
CA ARG A 193 -17.16 -4.13 1.95
C ARG A 193 -18.12 -4.85 2.88
N PRO A 194 -17.73 -6.01 3.38
CA PRO A 194 -18.55 -6.74 4.36
C PRO A 194 -18.77 -5.95 5.64
N GLY A 195 -20.01 -5.95 6.11
CA GLY A 195 -20.25 -5.42 7.42
C GLY A 195 -20.50 -3.94 7.52
N LEU A 196 -20.66 -3.25 6.39
CA LEU A 196 -20.93 -1.82 6.46
C LEU A 196 -22.33 -1.57 7.01
N LEU A 197 -22.46 -0.51 7.81
CA LEU A 197 -23.74 -0.13 8.40
C LEU A 197 -24.56 0.70 7.44
N ASN A 198 -23.98 1.75 6.87
N ASN A 198 -23.97 1.74 6.87
CA ASN A 198 -24.70 2.70 6.03
CA ASN A 198 -24.70 2.67 6.04
C ASN A 198 -24.26 2.56 4.57
C ASN A 198 -24.26 2.54 4.59
N VAL A 199 -24.61 1.40 3.99
CA VAL A 199 -24.18 1.11 2.62
C VAL A 199 -24.59 2.21 1.66
N GLY A 200 -25.81 2.71 1.79
CA GLY A 200 -26.28 3.66 0.81
C GLY A 200 -25.46 4.93 0.79
N HIS A 201 -25.12 5.44 1.98
CA HIS A 201 -24.32 6.66 2.00
C HIS A 201 -22.93 6.41 1.43
N ILE A 202 -22.35 5.25 1.73
CA ILE A 202 -21.00 4.94 1.24
C ILE A 202 -21.01 4.77 -0.26
N GLU A 203 -22.02 4.08 -0.80
CA GLU A 203 -22.13 4.01 -2.25
C GLU A 203 -22.21 5.40 -2.88
N LYS A 204 -22.93 6.32 -2.25
CA LYS A 204 -22.98 7.65 -2.86
C LYS A 204 -21.63 8.36 -2.77
N MET A 205 -20.92 8.21 -1.65
CA MET A 205 -19.57 8.75 -1.59
C MET A 205 -18.68 8.12 -2.65
N GLN A 206 -18.76 6.79 -2.79
CA GLN A 206 -18.00 6.10 -3.83
C GLN A 206 -18.34 6.64 -5.21
N GLU A 207 -19.64 6.73 -5.54
CA GLU A 207 -20.02 7.27 -6.85
C GLU A 207 -19.38 8.64 -7.07
N GLY A 208 -19.33 9.48 -6.04
CA GLY A 208 -18.75 10.81 -6.21
C GLY A 208 -17.26 10.73 -6.54
N ILE A 209 -16.54 9.90 -5.81
CA ILE A 209 -15.09 9.78 -6.02
C ILE A 209 -14.81 9.14 -7.37
N VAL A 210 -15.54 8.08 -7.71
CA VAL A 210 -15.30 7.43 -8.99
C VAL A 210 -15.63 8.39 -10.15
N HIS A 211 -16.66 9.24 -10.00
CA HIS A 211 -16.94 10.22 -11.04
C HIS A 211 -15.77 11.19 -11.19
N VAL A 212 -15.21 11.65 -10.08
CA VAL A 212 -14.05 12.55 -10.17
C VAL A 212 -12.87 11.84 -10.83
N LEU A 213 -12.63 10.56 -10.47
CA LEU A 213 -11.57 9.76 -11.12
C LEU A 213 -11.81 9.64 -12.62
N ARG A 214 -13.06 9.35 -13.01
CA ARG A 214 -13.36 9.20 -14.43
C ARG A 214 -13.05 10.48 -15.20
N LEU A 215 -13.55 11.61 -14.70
CA LEU A 215 -13.29 12.88 -15.36
C LEU A 215 -11.80 13.23 -15.37
N HIS A 216 -11.09 12.95 -14.28
CA HIS A 216 -9.68 13.25 -14.22
C HIS A 216 -8.89 12.43 -15.25
N LEU A 217 -9.20 11.15 -15.39
CA LEU A 217 -8.46 10.34 -16.36
C LEU A 217 -8.73 10.79 -17.80
N GLN A 218 -9.98 11.18 -18.09
CA GLN A 218 -10.31 11.76 -19.39
C GLN A 218 -9.45 12.98 -19.69
N SER A 219 -9.26 13.84 -18.69
N SER A 219 -9.24 13.82 -18.68
CA SER A 219 -8.45 15.05 -18.88
CA SER A 219 -8.48 15.07 -18.80
C SER A 219 -6.96 14.75 -18.95
C SER A 219 -6.97 14.84 -18.85
N ASN A 220 -6.47 13.92 -18.00
CA ASN A 220 -5.03 13.74 -17.84
C ASN A 220 -4.44 12.70 -18.79
N HIS A 221 -5.27 11.80 -19.32
CA HIS A 221 -4.84 10.73 -20.21
C HIS A 221 -5.77 10.66 -21.42
N PRO A 222 -5.82 11.72 -22.24
CA PRO A 222 -6.68 11.70 -23.42
C PRO A 222 -6.22 10.69 -24.45
N ASP A 223 -5.00 10.19 -24.31
CA ASP A 223 -4.44 9.21 -25.23
C ASP A 223 -4.95 7.78 -25.01
N ASP A 224 -5.51 7.45 -23.83
CA ASP A 224 -5.87 6.08 -23.44
C ASP A 224 -7.37 6.02 -23.11
N ILE A 225 -8.18 5.71 -24.12
CA ILE A 225 -9.62 5.83 -23.92
C ILE A 225 -10.21 4.76 -23.03
N PHE A 226 -9.44 3.72 -22.70
CA PHE A 226 -9.92 2.67 -21.81
C PHE A 226 -9.29 2.77 -20.42
N LEU A 227 -8.58 3.86 -20.11
CA LEU A 227 -7.85 3.86 -18.84
C LEU A 227 -8.77 3.68 -17.63
N PHE A 228 -9.97 4.30 -17.64
CA PHE A 228 -10.84 4.14 -16.47
C PHE A 228 -11.28 2.68 -16.29
N PRO A 229 -11.79 1.97 -17.30
CA PRO A 229 -12.12 0.55 -17.06
C PRO A 229 -10.87 -0.30 -16.76
N LYS A 230 -9.70 0.01 -17.31
CA LYS A 230 -8.46 -0.69 -16.91
C LYS A 230 -8.29 -0.58 -15.40
N LEU A 231 -8.51 0.63 -14.84
CA LEU A 231 -8.30 0.81 -13.40
C LEU A 231 -9.40 0.14 -12.59
N LEU A 232 -10.66 0.13 -13.07
CA LEU A 232 -11.67 -0.67 -12.35
C LEU A 232 -11.22 -2.12 -12.24
N GLN A 233 -10.65 -2.67 -13.33
CA GLN A 233 -10.15 -4.04 -13.30
C GLN A 233 -8.97 -4.18 -12.33
N LYS A 234 -8.06 -3.21 -12.33
CA LYS A 234 -6.95 -3.28 -11.37
C LYS A 234 -7.47 -3.32 -9.95
N MET A 235 -8.60 -2.62 -9.66
CA MET A 235 -9.16 -2.66 -8.30
C MET A 235 -9.58 -4.10 -7.96
N ALA A 236 -10.26 -4.77 -8.91
CA ALA A 236 -10.66 -6.15 -8.71
C ALA A 236 -9.44 -7.06 -8.56
N ASP A 237 -8.39 -6.84 -9.37
CA ASP A 237 -7.16 -7.61 -9.27
C ASP A 237 -6.54 -7.46 -7.89
N LEU A 238 -6.54 -6.23 -7.35
CA LEU A 238 -5.97 -5.99 -6.04
C LEU A 238 -6.73 -6.74 -4.97
N ARG A 239 -8.07 -6.79 -5.05
CA ARG A 239 -8.82 -7.54 -4.04
C ARG A 239 -8.38 -8.99 -4.03
N GLN A 240 -8.20 -9.59 -5.21
CA GLN A 240 -7.72 -10.96 -5.30
C GLN A 240 -6.30 -11.07 -4.75
N LEU A 241 -5.41 -10.14 -5.11
CA LEU A 241 -4.05 -10.14 -4.58
C LEU A 241 -4.03 -10.13 -3.07
N VAL A 242 -4.92 -9.34 -2.47
CA VAL A 242 -4.96 -9.24 -1.00
C VAL A 242 -5.49 -10.52 -0.38
N THR A 243 -6.54 -11.11 -0.98
CA THR A 243 -7.05 -12.38 -0.47
C THR A 243 -5.93 -13.42 -0.43
N GLU A 244 -5.17 -13.51 -1.51
CA GLU A 244 -4.07 -14.46 -1.60
C GLU A 244 -2.98 -14.11 -0.60
N HIS A 245 -2.67 -12.82 -0.45
CA HIS A 245 -1.62 -12.43 0.49
C HIS A 245 -2.03 -12.81 1.90
N ALA A 246 -3.29 -12.54 2.27
CA ALA A 246 -3.75 -12.86 3.62
C ALA A 246 -3.63 -14.35 3.86
N GLN A 247 -3.84 -15.18 2.83
CA GLN A 247 -3.75 -16.63 3.03
C GLN A 247 -2.32 -17.04 3.32
N LEU A 248 -1.37 -16.40 2.65
CA LEU A 248 0.03 -16.68 2.88
C LEU A 248 0.45 -16.23 4.27
N VAL A 249 0.03 -15.04 4.69
CA VAL A 249 0.31 -14.53 6.02
C VAL A 249 -0.22 -15.48 7.10
N GLN A 250 -1.38 -16.07 6.88
CA GLN A 250 -1.90 -17.06 7.83
C GLN A 250 -0.99 -18.28 7.91
N ILE A 251 -0.50 -18.77 6.77
CA ILE A 251 0.46 -19.89 6.76
C ILE A 251 1.70 -19.55 7.56
N ILE A 252 2.24 -18.35 7.34
CA ILE A 252 3.39 -17.88 8.10
C ILE A 252 3.07 -17.81 9.60
N LYS A 253 1.95 -17.20 9.97
CA LYS A 253 1.61 -17.13 11.39
C LYS A 253 1.60 -18.52 12.03
N LYS A 254 1.08 -19.51 11.33
CA LYS A 254 0.83 -20.80 11.94
C LYS A 254 2.04 -21.71 11.94
N THR A 255 2.99 -21.51 11.02
CA THR A 255 4.09 -22.43 10.87
C THR A 255 5.44 -21.81 11.22
N GLU A 256 5.49 -20.50 11.47
CA GLU A 256 6.76 -19.77 11.71
C GLU A 256 6.65 -19.06 13.05
N SER A 257 7.08 -19.75 14.11
CA SER A 257 6.94 -19.19 15.47
C SER A 257 7.75 -17.92 15.66
N ASP A 258 8.90 -17.79 14.99
CA ASP A 258 9.72 -16.62 15.23
C ASP A 258 9.20 -15.37 14.54
N ALA A 259 8.16 -15.50 13.72
CA ALA A 259 7.69 -14.42 12.87
C ALA A 259 6.40 -13.84 13.44
N ALA A 260 6.52 -13.25 14.63
CA ALA A 260 5.34 -12.65 15.25
C ALA A 260 4.72 -11.57 14.38
N LEU A 261 3.39 -11.48 14.43
CA LEU A 261 2.62 -10.50 13.68
C LEU A 261 2.31 -9.29 14.55
N HIS A 262 2.52 -8.10 14.01
CA HIS A 262 2.28 -6.85 14.72
C HIS A 262 0.80 -6.68 15.05
N PRO A 263 0.46 -6.10 16.22
CA PRO A 263 -0.97 -6.10 16.65
C PRO A 263 -1.90 -5.33 15.75
N LEU A 264 -1.44 -4.24 15.12
CA LEU A 264 -2.32 -3.52 14.19
C LEU A 264 -2.61 -4.38 12.97
N LEU A 265 -1.61 -5.17 12.52
CA LEU A 265 -1.86 -5.99 11.35
C LEU A 265 -2.70 -7.22 11.71
N GLN A 266 -2.54 -7.75 12.93
CA GLN A 266 -3.43 -8.82 13.37
C GLN A 266 -4.89 -8.36 13.38
N GLU A 267 -5.14 -7.16 13.90
CA GLU A 267 -6.50 -6.61 13.92
C GLU A 267 -7.06 -6.46 12.50
N ILE A 268 -6.22 -6.05 11.55
CA ILE A 268 -6.67 -5.88 10.18
C ILE A 268 -7.01 -7.23 9.52
N TYR A 269 -6.13 -8.22 9.67
CA TYR A 269 -6.35 -9.51 9.04
C TYR A 269 -7.46 -10.32 9.70
N ARG A 270 -7.71 -10.10 10.99
CA ARG A 270 -8.63 -10.95 11.74
C ARG A 270 -10.05 -10.78 11.20
N ASP A 271 -10.65 -11.88 10.76
CA ASP A 271 -11.98 -11.92 10.18
C ASP A 271 -12.06 -11.20 8.83
N MET A 272 -10.93 -10.92 8.18
CA MET A 272 -10.98 -10.21 6.91
C MET A 272 -11.54 -11.08 5.78
N TYR A 273 -10.78 -12.11 5.39
CA TYR A 273 -11.18 -13.00 4.30
C TYR A 273 -11.13 -14.45 4.75
N ARG B 4 -13.27 -4.07 18.34
CA ARG B 4 -12.50 -5.15 17.72
C ARG B 4 -11.27 -4.63 16.96
N HIS B 5 -11.25 -3.33 16.67
CA HIS B 5 -10.13 -2.69 15.98
C HIS B 5 -9.64 -1.49 16.80
N LYS B 6 -9.15 -1.74 18.00
CA LYS B 6 -8.91 -0.60 18.90
C LYS B 6 -7.80 0.31 18.38
N ILE B 7 -6.74 -0.26 17.77
CA ILE B 7 -5.69 0.60 17.23
C ILE B 7 -6.21 1.43 16.08
N LEU B 8 -6.94 0.82 15.15
CA LEU B 8 -7.52 1.61 14.07
C LEU B 8 -8.45 2.67 14.62
N HIS B 9 -9.31 2.29 15.57
CA HIS B 9 -10.27 3.26 16.08
C HIS B 9 -9.54 4.44 16.72
N ARG B 10 -8.45 4.15 17.44
CA ARG B 10 -7.63 5.21 18.02
C ARG B 10 -7.00 6.05 16.92
N LEU B 11 -6.41 5.41 15.92
CA LEU B 11 -5.82 6.17 14.82
C LEU B 11 -6.85 7.07 14.17
N LEU B 12 -8.10 6.61 14.08
CA LEU B 12 -9.13 7.43 13.43
C LEU B 12 -9.53 8.63 14.24
N GLN B 13 -9.10 8.71 15.49
CA GLN B 13 -9.39 9.88 16.31
C GLN B 13 -8.16 10.77 16.43
C1 PLM C . 2.48 -7.47 5.20
O1 PLM C . 2.30 -6.43 5.92
O2 PLM C . 1.63 -8.38 5.35
C2 PLM C . 3.62 -7.70 4.16
C3 PLM C . 3.77 -6.51 3.19
C4 PLM C . 4.69 -6.79 1.99
C5 PLM C . 5.19 -5.47 1.40
C6 PLM C . 6.46 -4.99 2.12
C7 PLM C . 7.24 -3.88 1.42
C8 PLM C . 8.48 -3.53 2.25
C9 PLM C . 9.60 -4.54 2.06
CA PLM C . 10.83 -4.27 2.93
CB PLM C . 11.63 -5.56 3.06
CC PLM C . 13.17 -5.37 3.06
CD PLM C . 13.69 -4.57 4.26
CE PLM C . 15.21 -4.74 4.41
CF PLM C . 15.71 -3.62 5.30
CG PLM C . 17.23 -3.75 5.46
H21 PLM C . 4.46 -7.83 4.63
H22 PLM C . 3.41 -8.49 3.65
H31 PLM C . 2.89 -6.27 2.86
H32 PLM C . 4.13 -5.75 3.68
H41 PLM C . 4.19 -7.27 1.31
H42 PLM C . 5.44 -7.32 2.28
H51 PLM C . 5.38 -5.61 0.46
H52 PLM C . 4.50 -4.79 1.49
H61 PLM C . 7.05 -5.75 2.23
H62 PLM C . 6.21 -4.68 3.00
H71 PLM C . 6.68 -3.09 1.32
H72 PLM C . 7.53 -4.18 0.54
H81 PLM C . 8.79 -2.65 2.00
H82 PLM C . 8.23 -3.52 3.19
H91 PLM C . 9.27 -5.43 2.25
H92 PLM C . 9.88 -4.52 1.12
HA1 PLM C . 11.38 -3.58 2.53
HA2 PLM C . 10.54 -3.97 3.82
HB1 PLM C . 11.40 -6.14 2.32
HB2 PLM C . 11.38 -5.99 3.89
HC1 PLM C . 13.42 -4.92 2.24
HC2 PLM C . 13.58 -6.25 3.07
HD1 PLM C . 13.24 -4.86 5.06
HD2 PLM C . 13.50 -3.62 4.11
HE1 PLM C . 15.63 -4.70 3.56
HE2 PLM C . 15.38 -5.61 4.84
HF1 PLM C . 15.50 -2.76 4.90
HF2 PLM C . 15.29 -3.68 6.17
HG1 PLM C . 17.56 -3.05 6.05
HG2 PLM C . 17.66 -3.67 4.59
HG3 PLM C . 17.45 -4.61 5.85
C1 GOL D . 7.42 3.42 -12.37
O1 GOL D . 7.70 4.14 -13.53
C2 GOL D . 8.32 4.02 -11.28
O2 GOL D . 7.54 4.61 -10.28
C3 GOL D . 9.25 3.02 -10.60
O3 GOL D . 9.81 2.14 -11.54
H11 GOL D . 6.49 3.52 -12.13
H12 GOL D . 7.64 2.48 -12.50
HO1 GOL D . 7.81 4.96 -13.34
H2 GOL D . 8.86 4.70 -11.68
HO2 GOL D . 6.93 4.08 -10.05
H31 GOL D . 9.95 3.51 -10.15
H32 GOL D . 8.73 2.51 -9.95
HO3 GOL D . 10.65 2.23 -11.54
#